data_8UIX
#
_entry.id   8UIX
#
_cell.length_a   165.332
_cell.length_b   47.001
_cell.length_c   70.746
_cell.angle_alpha   90.00
_cell.angle_beta   96.47
_cell.angle_gamma   90.00
#
_symmetry.space_group_name_H-M   'C 1 2 1'
#
loop_
_entity.id
_entity.type
_entity.pdbx_description
1 polymer 'Fluorophosphonate-binding serine hydrolase E'
2 non-polymer '(3,5-dimethoxyphenyl)boronic acid'
3 water water
#
_entity_poly.entity_id   1
_entity_poly.type   'polypeptide(L)'
_entity_poly.pdbx_seq_one_letter_code
;GPGMETLELQGAKLRYHQVGQGPVLIFIPGANGTGDIFLPLAEQLKDHFTVVAVDRRDYGESELTEPLPDSASNPDSDYR
VKRDAQDIAELAKSLSDEPVYILGSSSGSIVAMHVLKDYPEVVKKIAFHEPPINTFLPDSTYWKDKNDDIVHQILTEGLE
KGMKTFGETLNIAPIDAKMMSQPADTEEGRIEQYKRTMFWLEFEIRQYTHSNITLDDFTKYSDKITLLNGTDSRGSFPQD
VNFYINKETGIPIVDIPGGHLGYIQKPEGFADVLLNMWG
;
_entity_poly.pdbx_strand_id   A,B
#
loop_
_chem_comp.id
_chem_comp.type
_chem_comp.name
_chem_comp.formula
WS8 non-polymer '(3,5-dimethoxyphenyl)boronic acid' 'C8 H11 B O4'
#
# COMPACT_ATOMS: atom_id res chain seq x y z
N GLY A 1 -16.96 7.74 -12.89
CA GLY A 1 -16.04 8.65 -13.54
C GLY A 1 -16.78 9.66 -14.39
N PRO A 2 -16.04 10.56 -15.05
CA PRO A 2 -16.67 11.75 -15.65
C PRO A 2 -17.66 11.43 -16.76
N GLY A 3 -17.78 10.19 -17.19
CA GLY A 3 -18.92 9.84 -18.03
C GLY A 3 -19.40 8.42 -17.81
N MET A 4 -18.94 7.80 -16.72
CA MET A 4 -19.02 6.37 -16.42
C MET A 4 -20.34 5.95 -15.79
N GLU A 5 -20.61 4.65 -15.88
CA GLU A 5 -21.76 4.01 -15.25
C GLU A 5 -21.34 3.39 -13.92
N THR A 6 -22.30 2.86 -13.19
CA THR A 6 -22.00 2.22 -11.92
C THR A 6 -22.91 1.03 -11.72
N LEU A 7 -22.32 -0.08 -11.30
CA LEU A 7 -23.06 -1.26 -10.85
C LEU A 7 -22.63 -1.54 -9.42
N GLU A 8 -23.56 -1.35 -8.49
CA GLU A 8 -23.30 -1.55 -7.06
C GLU A 8 -23.42 -3.04 -6.71
N LEU A 9 -22.29 -3.66 -6.42
CA LEU A 9 -22.20 -5.08 -6.10
C LEU A 9 -21.71 -5.27 -4.66
N GLN A 10 -21.71 -6.53 -4.24
CA GLN A 10 -21.24 -6.89 -2.91
C GLN A 10 -19.79 -6.47 -2.77
N GLY A 11 -19.53 -5.47 -1.95
CA GLY A 11 -18.18 -5.11 -1.59
C GLY A 11 -17.60 -3.92 -2.33
N ALA A 12 -18.13 -3.57 -3.50
CA ALA A 12 -17.51 -2.50 -4.27
C ALA A 12 -18.57 -1.77 -5.09
N LYS A 13 -18.15 -0.67 -5.71
CA LYS A 13 -18.94 0.05 -6.72
C LYS A 13 -18.19 -0.05 -8.05
N LEU A 14 -18.74 -0.82 -8.99
CA LEU A 14 -18.08 -1.09 -10.26
C LEU A 14 -18.39 0.02 -11.24
N ARG A 15 -17.37 0.75 -11.64
CA ARG A 15 -17.54 1.80 -12.64
C ARG A 15 -17.07 1.26 -13.98
N TYR A 16 -17.75 1.67 -15.05
CA TYR A 16 -17.41 1.16 -16.37
C TYR A 16 -17.85 2.16 -17.42
N HIS A 17 -17.17 2.16 -18.58
CA HIS A 17 -17.59 2.95 -19.72
C HIS A 17 -18.62 2.17 -20.52
N GLN A 18 -19.53 2.89 -21.15
CA GLN A 18 -20.48 2.29 -22.07
C GLN A 18 -20.54 3.14 -23.33
N VAL A 19 -20.38 2.51 -24.48
CA VAL A 19 -20.58 3.21 -25.74
C VAL A 19 -21.12 2.22 -26.78
N GLY A 20 -22.00 2.72 -27.64
CA GLY A 20 -22.39 1.99 -28.84
C GLY A 20 -23.78 1.37 -28.73
N GLN A 21 -24.18 0.81 -29.87
CA GLN A 21 -25.44 0.08 -30.04
C GLN A 21 -25.12 -1.37 -30.39
N GLY A 22 -26.05 -2.27 -30.09
CA GLY A 22 -25.91 -3.66 -30.48
C GLY A 22 -25.55 -4.60 -29.36
N PRO A 23 -25.24 -5.89 -29.71
CA PRO A 23 -24.72 -6.86 -28.74
C PRO A 23 -23.72 -6.31 -27.73
N VAL A 24 -23.83 -6.76 -26.49
CA VAL A 24 -22.98 -6.31 -25.39
C VAL A 24 -21.63 -7.03 -25.48
N LEU A 25 -20.54 -6.24 -25.51
CA LEU A 25 -19.17 -6.75 -25.56
C LEU A 25 -18.42 -6.16 -24.39
N ILE A 26 -18.05 -6.97 -23.41
CA ILE A 26 -17.36 -6.48 -22.22
C ILE A 26 -15.87 -6.74 -22.37
N PHE A 27 -15.08 -5.69 -22.18
CA PHE A 27 -13.63 -5.74 -22.24
C PHE A 27 -13.07 -5.70 -20.82
N ILE A 28 -12.12 -6.58 -20.52
CA ILE A 28 -11.52 -6.68 -19.18
C ILE A 28 -10.07 -6.20 -19.26
N PRO A 29 -9.71 -5.12 -18.57
CA PRO A 29 -8.34 -4.65 -18.64
C PRO A 29 -7.39 -5.57 -17.89
N GLY A 30 -6.11 -5.47 -18.26
CA GLY A 30 -5.09 -6.21 -17.57
C GLY A 30 -4.43 -5.37 -16.52
N ALA A 31 -3.09 -5.23 -16.59
CA ALA A 31 -2.34 -4.71 -15.44
C ALA A 31 -2.71 -3.27 -15.12
N ASN A 32 -3.11 -2.49 -16.13
CA ASN A 32 -3.55 -1.13 -15.85
C ASN A 32 -4.87 -1.10 -15.08
N GLY A 33 -5.69 -2.15 -15.18
CA GLY A 33 -6.89 -2.29 -14.38
C GLY A 33 -8.07 -1.41 -14.75
N THR A 34 -7.93 -0.47 -15.67
CA THR A 34 -9.01 0.47 -15.96
C THR A 34 -9.45 0.34 -17.41
N GLY A 35 -10.74 0.59 -17.64
CA GLY A 35 -11.34 0.41 -18.96
C GLY A 35 -11.08 1.55 -19.93
N ASP A 36 -10.60 2.70 -19.44
CA ASP A 36 -10.32 3.83 -20.33
C ASP A 36 -9.37 3.44 -21.47
N ILE A 37 -8.61 2.36 -21.28
CA ILE A 37 -7.61 1.94 -22.26
C ILE A 37 -8.27 1.34 -23.50
N PHE A 38 -9.55 0.95 -23.41
CA PHE A 38 -10.24 0.35 -24.55
C PHE A 38 -11.03 1.36 -25.35
N LEU A 39 -11.06 2.62 -24.92
CA LEU A 39 -11.99 3.58 -25.52
C LEU A 39 -11.74 3.86 -27.00
N PRO A 40 -10.50 4.07 -27.50
CA PRO A 40 -10.36 4.27 -28.95
C PRO A 40 -10.82 3.06 -29.75
N LEU A 41 -10.53 1.86 -29.23
CA LEU A 41 -11.03 0.64 -29.84
C LEU A 41 -12.56 0.64 -29.86
N ALA A 42 -13.16 1.01 -28.72
CA ALA A 42 -14.61 1.06 -28.61
C ALA A 42 -15.22 1.92 -29.69
N GLU A 43 -14.61 3.08 -29.97
CA GLU A 43 -15.14 3.95 -31.02
C GLU A 43 -15.21 3.25 -32.36
N GLN A 44 -14.32 2.27 -32.60
CA GLN A 44 -14.42 1.50 -33.83
C GLN A 44 -15.64 0.59 -33.83
N LEU A 45 -15.90 -0.08 -32.70
CA LEU A 45 -16.93 -1.10 -32.61
C LEU A 45 -18.30 -0.55 -32.21
N LYS A 46 -18.41 0.75 -31.93
CA LYS A 46 -19.63 1.28 -31.34
C LYS A 46 -20.82 1.13 -32.27
N ASP A 47 -20.62 1.12 -33.58
CA ASP A 47 -21.76 0.86 -34.46
C ASP A 47 -22.21 -0.59 -34.46
N HIS A 48 -21.41 -1.52 -33.96
CA HIS A 48 -21.72 -2.94 -34.01
C HIS A 48 -21.90 -3.60 -32.64
N PHE A 49 -21.31 -3.06 -31.58
CA PHE A 49 -21.45 -3.59 -30.23
C PHE A 49 -21.85 -2.50 -29.25
N THR A 50 -22.57 -2.90 -28.20
CA THR A 50 -22.64 -2.12 -26.96
C THR A 50 -21.39 -2.46 -26.17
N VAL A 51 -20.34 -1.66 -26.37
CA VAL A 51 -19.04 -1.91 -25.75
C VAL A 51 -19.06 -1.45 -24.30
N VAL A 52 -18.66 -2.33 -23.40
CA VAL A 52 -18.57 -2.03 -21.98
C VAL A 52 -17.13 -2.25 -21.56
N ALA A 53 -16.48 -1.21 -21.05
CA ALA A 53 -15.07 -1.32 -20.64
C ALA A 53 -14.98 -1.04 -19.15
N VAL A 54 -14.43 -1.98 -18.42
CA VAL A 54 -14.58 -2.05 -16.96
C VAL A 54 -13.32 -1.52 -16.27
N ASP A 55 -13.51 -0.64 -15.30
CA ASP A 55 -12.54 -0.44 -14.24
C ASP A 55 -12.76 -1.55 -13.22
N ARG A 56 -11.83 -2.51 -13.15
CA ARG A 56 -11.97 -3.58 -12.18
C ARG A 56 -11.96 -2.99 -10.77
N ARG A 57 -12.55 -3.72 -9.82
CA ARG A 57 -13.03 -3.10 -8.59
C ARG A 57 -11.93 -2.44 -7.74
N ASP A 58 -10.66 -2.83 -7.88
CA ASP A 58 -9.59 -2.19 -7.11
C ASP A 58 -8.91 -1.04 -7.84
N TYR A 59 -9.37 -0.68 -9.03
CA TYR A 59 -8.64 0.24 -9.89
C TYR A 59 -9.51 1.40 -10.34
N GLY A 60 -8.85 2.48 -10.70
CA GLY A 60 -9.53 3.57 -11.40
C GLY A 60 -10.69 4.15 -10.63
N GLU A 61 -11.79 4.29 -11.33
CA GLU A 61 -12.96 4.97 -10.77
C GLU A 61 -13.86 4.03 -9.99
N SER A 62 -13.57 2.73 -9.96
CA SER A 62 -14.31 1.82 -9.10
C SER A 62 -13.82 1.99 -7.66
N GLU A 63 -14.67 1.67 -6.69
CA GLU A 63 -14.29 1.80 -5.29
C GLU A 63 -14.80 0.63 -4.46
N LEU A 64 -13.93 0.10 -3.60
CA LEU A 64 -14.36 -0.90 -2.64
C LEU A 64 -15.18 -0.23 -1.55
N THR A 65 -16.24 -0.93 -1.13
CA THR A 65 -17.07 -0.47 -0.02
C THR A 65 -16.86 -1.30 1.23
N GLU A 66 -15.99 -2.29 1.18
CA GLU A 66 -15.54 -3.14 2.27
C GLU A 66 -14.02 -3.23 2.19
N PRO A 67 -13.35 -3.49 3.32
CA PRO A 67 -11.91 -3.72 3.24
C PRO A 67 -11.59 -4.93 2.37
N LEU A 68 -10.50 -4.83 1.62
CA LEU A 68 -9.88 -6.02 1.05
C LEU A 68 -9.53 -7.01 2.15
N PRO A 69 -9.92 -8.29 2.05
CA PRO A 69 -9.62 -9.25 3.12
C PRO A 69 -8.11 -9.43 3.32
N ASP A 70 -7.69 -9.57 4.60
CA ASP A 70 -6.28 -9.71 4.94
C ASP A 70 -5.58 -10.72 4.05
N SER A 71 -6.18 -11.91 3.92
CA SER A 71 -5.61 -13.01 3.17
C SER A 71 -5.40 -12.71 1.68
N ALA A 72 -5.87 -11.57 1.17
CA ALA A 72 -5.63 -11.31 -0.25
C ALA A 72 -4.15 -11.08 -0.55
N SER A 73 -3.33 -10.81 0.47
CA SER A 73 -1.92 -10.65 0.18
C SER A 73 -1.20 -11.98 0.06
N ASN A 74 -1.79 -13.09 0.56
CA ASN A 74 -1.25 -14.42 0.31
C ASN A 74 -1.10 -14.64 -1.20
N PRO A 75 0.00 -15.21 -1.66
CA PRO A 75 0.19 -15.39 -3.11
C PRO A 75 -0.65 -16.51 -3.70
N ASP A 76 -1.35 -17.29 -2.88
CA ASP A 76 -2.18 -18.35 -3.41
C ASP A 76 -3.65 -18.08 -3.23
N SER A 77 -4.01 -16.91 -2.69
CA SER A 77 -5.41 -16.60 -2.48
C SER A 77 -6.17 -16.51 -3.80
N ASP A 78 -7.26 -17.26 -3.89
CA ASP A 78 -8.22 -17.16 -4.99
C ASP A 78 -8.99 -15.85 -4.97
N TYR A 79 -9.01 -15.14 -3.83
CA TYR A 79 -10.09 -14.18 -3.57
C TYR A 79 -10.26 -13.17 -4.71
N ARG A 80 -9.19 -12.48 -5.11
CA ARG A 80 -9.38 -11.35 -5.99
C ARG A 80 -9.86 -11.77 -7.38
N VAL A 81 -9.33 -12.87 -7.92
CA VAL A 81 -9.65 -13.22 -9.30
C VAL A 81 -11.09 -13.75 -9.39
N LYS A 82 -11.54 -14.51 -8.38
CA LYS A 82 -12.94 -14.93 -8.30
C LYS A 82 -13.87 -13.72 -8.18
N ARG A 83 -13.49 -12.74 -7.35
CA ARG A 83 -14.37 -11.59 -7.15
C ARG A 83 -14.48 -10.77 -8.42
N ASP A 84 -13.36 -10.53 -9.09
CA ASP A 84 -13.40 -9.88 -10.40
C ASP A 84 -14.27 -10.67 -11.35
N ALA A 85 -14.12 -11.99 -11.35
CA ALA A 85 -14.82 -12.84 -12.31
C ALA A 85 -16.32 -12.72 -12.12
N GLN A 86 -16.75 -12.76 -10.87
CA GLN A 86 -18.17 -12.63 -10.59
C GLN A 86 -18.63 -11.19 -10.77
N ASP A 87 -17.79 -10.20 -10.46
CA ASP A 87 -18.11 -8.82 -10.82
C ASP A 87 -18.53 -8.72 -12.28
N ILE A 88 -17.89 -9.52 -13.14
CA ILE A 88 -18.18 -9.47 -14.57
C ILE A 88 -19.50 -10.16 -14.87
N ALA A 89 -19.69 -11.37 -14.33
CA ALA A 89 -20.93 -12.11 -14.55
C ALA A 89 -22.15 -11.30 -14.15
N GLU A 90 -22.11 -10.63 -12.99
CA GLU A 90 -23.23 -9.77 -12.60
C GLU A 90 -23.36 -8.59 -13.55
N LEU A 91 -22.23 -8.04 -14.01
CA LEU A 91 -22.30 -6.95 -14.98
C LEU A 91 -23.02 -7.39 -16.25
N ALA A 92 -22.68 -8.58 -16.76
CA ALA A 92 -23.38 -9.11 -17.93
C ALA A 92 -24.87 -9.23 -17.68
N LYS A 93 -25.24 -9.93 -16.60
CA LYS A 93 -26.65 -10.17 -16.30
C LYS A 93 -27.38 -8.84 -16.06
N SER A 94 -26.72 -7.88 -15.43
CA SER A 94 -27.31 -6.56 -15.25
C SER A 94 -27.54 -5.82 -16.58
N LEU A 95 -26.80 -6.18 -17.64
CA LEU A 95 -26.93 -5.49 -18.91
C LEU A 95 -27.68 -6.28 -19.97
N SER A 96 -27.83 -7.59 -19.83
CA SER A 96 -28.41 -8.38 -20.91
C SER A 96 -29.02 -9.66 -20.38
N ASP A 97 -30.13 -10.04 -20.99
CA ASP A 97 -30.70 -11.36 -20.74
C ASP A 97 -30.00 -12.43 -21.56
N GLU A 98 -29.45 -12.06 -22.72
CA GLU A 98 -28.64 -12.95 -23.53
C GLU A 98 -27.25 -13.11 -22.92
N PRO A 99 -26.56 -14.23 -23.20
CA PRO A 99 -25.11 -14.27 -22.99
C PRO A 99 -24.42 -13.21 -23.83
N VAL A 100 -23.24 -12.77 -23.37
CA VAL A 100 -22.61 -11.58 -23.89
C VAL A 100 -21.23 -11.92 -24.45
N TYR A 101 -20.65 -10.94 -25.15
CA TYR A 101 -19.30 -11.02 -25.67
C TYR A 101 -18.33 -10.50 -24.63
N ILE A 102 -17.20 -11.18 -24.50
CA ILE A 102 -16.21 -10.87 -23.47
C ILE A 102 -14.80 -10.96 -24.06
N LEU A 103 -13.99 -9.93 -23.82
CA LEU A 103 -12.59 -9.95 -24.17
C LEU A 103 -11.75 -9.46 -22.99
N GLY A 104 -10.74 -10.24 -22.62
CA GLY A 104 -9.82 -9.81 -21.58
C GLY A 104 -8.41 -9.90 -22.10
N SER A 105 -7.57 -8.97 -21.62
CA SER A 105 -6.17 -8.88 -22.04
C SER A 105 -5.26 -9.12 -20.84
N SER A 106 -4.28 -10.01 -21.01
CA SER A 106 -3.24 -10.26 -20.00
C SER A 106 -3.92 -10.81 -18.75
N SER A 107 -3.71 -10.24 -17.57
CA SER A 107 -4.40 -10.79 -16.41
C SER A 107 -5.90 -10.53 -16.47
N GLY A 108 -6.35 -9.62 -17.32
CA GLY A 108 -7.77 -9.52 -17.61
C GLY A 108 -8.31 -10.74 -18.32
N SER A 109 -7.49 -11.35 -19.21
CA SER A 109 -7.89 -12.60 -19.83
C SER A 109 -8.01 -13.74 -18.81
N ILE A 110 -7.21 -13.69 -17.75
CA ILE A 110 -7.31 -14.68 -16.66
C ILE A 110 -8.66 -14.54 -15.95
N VAL A 111 -9.02 -13.31 -15.59
CA VAL A 111 -10.36 -13.04 -15.08
C VAL A 111 -11.41 -13.64 -16.01
N ALA A 112 -11.26 -13.43 -17.32
CA ALA A 112 -12.24 -13.97 -18.25
C ALA A 112 -12.25 -15.51 -18.22
N MET A 113 -11.10 -16.15 -18.03
CA MET A 113 -11.07 -17.61 -17.85
C MET A 113 -11.90 -18.06 -16.64
N HIS A 114 -11.86 -17.28 -15.55
CA HIS A 114 -12.68 -17.63 -14.39
C HIS A 114 -14.16 -17.31 -14.59
N VAL A 115 -14.49 -16.32 -15.45
CA VAL A 115 -15.88 -16.14 -15.85
C VAL A 115 -16.40 -17.35 -16.63
N LEU A 116 -15.59 -17.83 -17.58
CA LEU A 116 -15.98 -19.02 -18.34
C LEU A 116 -16.06 -20.26 -17.46
N LYS A 117 -15.15 -20.41 -16.51
CA LYS A 117 -15.18 -21.61 -15.68
C LYS A 117 -16.44 -21.64 -14.83
N ASP A 118 -16.72 -20.53 -14.16
CA ASP A 118 -17.76 -20.47 -13.13
C ASP A 118 -19.11 -19.96 -13.63
N TYR A 119 -19.13 -19.10 -14.63
CA TYR A 119 -20.39 -18.54 -15.14
C TYR A 119 -20.45 -18.59 -16.67
N PRO A 120 -20.38 -19.79 -17.27
CA PRO A 120 -20.50 -19.86 -18.73
C PRO A 120 -21.89 -19.47 -19.22
N GLU A 121 -22.87 -19.35 -18.32
CA GLU A 121 -24.22 -18.95 -18.69
C GLU A 121 -24.29 -17.54 -19.25
N VAL A 122 -23.25 -16.74 -19.02
CA VAL A 122 -23.24 -15.34 -19.44
C VAL A 122 -22.35 -15.11 -20.65
N VAL A 123 -21.65 -16.12 -21.13
CA VAL A 123 -20.63 -15.95 -22.16
C VAL A 123 -21.20 -16.42 -23.49
N LYS A 124 -21.47 -15.48 -24.39
CA LYS A 124 -21.85 -15.86 -25.75
C LYS A 124 -20.61 -16.28 -26.52
N LYS A 125 -19.66 -15.36 -26.69
CA LYS A 125 -18.29 -15.72 -27.05
C LYS A 125 -17.32 -15.00 -26.14
N ILE A 126 -16.12 -15.58 -26.04
CA ILE A 126 -15.07 -15.04 -25.19
C ILE A 126 -13.74 -15.14 -25.92
N ALA A 127 -12.86 -14.19 -25.64
CA ALA A 127 -11.54 -14.12 -26.27
C ALA A 127 -10.47 -13.81 -25.23
N PHE A 128 -9.38 -14.57 -25.26
CA PHE A 128 -8.25 -14.46 -24.31
C PHE A 128 -7.04 -13.84 -25.02
N HIS A 129 -6.83 -12.53 -24.82
CA HIS A 129 -5.74 -11.85 -25.51
C HIS A 129 -4.47 -11.92 -24.66
N GLU A 130 -3.50 -12.72 -25.10
CA GLU A 130 -2.18 -12.84 -24.49
C GLU A 130 -2.27 -13.16 -23.00
N PRO A 131 -2.73 -14.36 -22.66
CA PRO A 131 -2.82 -14.78 -21.25
C PRO A 131 -1.46 -15.12 -20.68
N PRO A 132 -1.15 -14.59 -19.47
CA PRO A 132 0.08 -14.97 -18.76
C PRO A 132 -0.11 -15.99 -17.65
N ILE A 133 -1.18 -16.80 -17.69
CA ILE A 133 -1.39 -17.81 -16.65
C ILE A 133 -0.43 -18.98 -16.89
N ASN A 134 0.14 -19.52 -15.81
CA ASN A 134 1.08 -20.63 -15.96
C ASN A 134 0.63 -21.94 -15.33
N THR A 135 -0.44 -21.96 -14.54
CA THR A 135 -0.78 -23.12 -13.70
C THR A 135 -0.80 -24.44 -14.46
N PHE A 136 -1.35 -24.45 -15.66
CA PHE A 136 -1.53 -25.70 -16.41
C PHE A 136 -0.37 -25.99 -17.37
N LEU A 137 0.67 -25.14 -17.36
CA LEU A 137 1.84 -25.26 -18.20
C LEU A 137 2.71 -26.40 -17.68
N PRO A 138 3.44 -27.09 -18.56
CA PRO A 138 4.40 -28.09 -18.07
C PRO A 138 5.68 -27.46 -17.55
N ASP A 139 5.95 -26.20 -17.87
CA ASP A 139 7.00 -25.44 -17.20
C ASP A 139 6.42 -24.44 -16.21
N SER A 140 5.26 -24.80 -15.65
CA SER A 140 4.60 -23.96 -14.65
C SER A 140 5.48 -23.66 -13.46
N THR A 141 6.31 -24.64 -13.02
CA THR A 141 7.18 -24.40 -11.87
C THR A 141 8.17 -23.30 -12.16
N TYR A 142 8.77 -23.35 -13.35
CA TYR A 142 9.66 -22.27 -13.77
C TYR A 142 8.99 -20.91 -13.64
N TRP A 143 7.83 -20.74 -14.29
CA TRP A 143 7.26 -19.40 -14.36
C TRP A 143 6.70 -18.92 -13.03
N LYS A 144 6.14 -19.82 -12.22
CA LYS A 144 5.70 -19.41 -10.89
C LYS A 144 6.90 -18.99 -10.03
N ASP A 145 8.01 -19.72 -10.13
CA ASP A 145 9.19 -19.31 -9.37
C ASP A 145 9.73 -17.97 -9.85
N LYS A 146 9.68 -17.73 -11.16
CA LYS A 146 10.11 -16.42 -11.65
C LYS A 146 9.24 -15.32 -11.07
N ASN A 147 7.91 -15.48 -11.11
CA ASN A 147 7.00 -14.47 -10.57
C ASN A 147 7.21 -14.27 -9.08
N ASP A 148 7.27 -15.35 -8.31
CA ASP A 148 7.49 -15.20 -6.88
C ASP A 148 8.81 -14.47 -6.58
N ASP A 149 9.86 -14.78 -7.36
CA ASP A 149 11.18 -14.22 -7.10
C ASP A 149 11.23 -12.73 -7.44
N ILE A 150 10.81 -12.38 -8.67
CA ILE A 150 10.90 -10.98 -9.09
C ILE A 150 10.09 -10.10 -8.14
N VAL A 151 8.89 -10.55 -7.77
CA VAL A 151 8.02 -9.78 -6.88
C VAL A 151 8.69 -9.61 -5.51
N HIS A 152 9.19 -10.70 -4.94
CA HIS A 152 9.88 -10.53 -3.66
C HIS A 152 11.10 -9.64 -3.81
N GLN A 153 11.77 -9.69 -4.97
CA GLN A 153 12.95 -8.84 -5.17
C GLN A 153 12.55 -7.37 -5.23
N ILE A 154 11.51 -7.06 -6.02
CA ILE A 154 11.09 -5.67 -6.15
C ILE A 154 10.64 -5.14 -4.80
N LEU A 155 9.90 -5.93 -4.05
CA LEU A 155 9.37 -5.43 -2.79
C LEU A 155 10.45 -5.22 -1.73
N THR A 156 11.63 -5.80 -1.86
CA THR A 156 12.59 -5.69 -0.76
C THR A 156 13.93 -5.06 -1.12
N GLU A 157 14.41 -5.19 -2.36
CA GLU A 157 15.78 -4.76 -2.67
C GLU A 157 15.99 -3.29 -2.39
N GLY A 158 15.11 -2.44 -2.94
CA GLY A 158 15.23 -1.00 -2.71
C GLY A 158 15.25 -0.64 -1.24
N LEU A 159 14.44 -1.34 -0.44
CA LEU A 159 14.30 -1.00 0.98
C LEU A 159 15.56 -1.32 1.76
N GLU A 160 16.22 -2.46 1.46
CA GLU A 160 17.33 -2.90 2.28
C GLU A 160 18.50 -1.93 2.22
N LYS A 161 18.80 -1.42 1.02
CA LYS A 161 19.94 -0.52 0.85
C LYS A 161 19.58 0.92 1.19
N GLY A 162 18.34 1.32 0.89
CA GLY A 162 17.91 2.66 1.23
C GLY A 162 17.94 2.96 2.72
N MET A 163 17.50 2.01 3.55
CA MET A 163 17.55 2.26 4.99
C MET A 163 18.97 2.22 5.54
N LYS A 164 19.87 1.48 4.91
CA LYS A 164 21.25 1.49 5.38
C LYS A 164 21.87 2.89 5.23
N THR A 165 21.74 3.49 4.04
CA THR A 165 22.37 4.80 3.83
C THR A 165 21.62 5.93 4.54
N PHE A 166 20.29 5.80 4.67
CA PHE A 166 19.50 6.73 5.46
C PHE A 166 20.04 6.86 6.89
N GLY A 167 20.28 5.72 7.55
CA GLY A 167 20.85 5.74 8.89
C GLY A 167 22.25 6.33 8.95
N GLU A 168 23.02 6.20 7.86
CA GLU A 168 24.29 6.90 7.78
C GLU A 168 24.11 8.42 7.76
N THR A 169 23.09 8.89 7.03
CA THR A 169 22.74 10.30 6.99
C THR A 169 22.26 10.80 8.36
N LEU A 170 21.41 10.02 9.03
CA LEU A 170 20.96 10.35 10.38
C LEU A 170 22.05 10.15 11.43
N ASN A 171 23.14 9.45 11.10
CA ASN A 171 24.17 9.04 12.06
C ASN A 171 23.52 8.35 13.25
N ILE A 172 22.63 7.42 12.93
CA ILE A 172 21.98 6.54 13.88
C ILE A 172 23.02 5.83 14.77
N ALA A 173 22.70 5.65 16.03
CA ALA A 173 23.63 5.10 17.00
C ALA A 173 23.79 3.59 16.84
N PRO A 174 24.96 3.07 17.22
CA PRO A 174 25.16 1.60 17.17
C PRO A 174 24.10 0.77 17.90
N ILE A 175 23.70 1.16 19.12
CA ILE A 175 22.72 0.34 19.83
C ILE A 175 21.41 0.30 19.05
N ASP A 176 21.03 1.41 18.42
CA ASP A 176 19.82 1.43 17.61
C ASP A 176 20.01 0.65 16.32
N ALA A 177 21.15 0.83 15.66
CA ALA A 177 21.40 0.17 14.38
C ALA A 177 21.53 -1.34 14.53
N LYS A 178 22.26 -1.81 15.55
CA LYS A 178 22.30 -3.25 15.79
C LYS A 178 20.89 -3.78 15.96
N MET A 179 20.03 -3.05 16.70
CA MET A 179 18.65 -3.49 16.90
C MET A 179 17.87 -3.48 15.58
N MET A 180 17.76 -2.33 14.90
CA MET A 180 16.95 -2.31 13.68
C MET A 180 17.55 -3.13 12.54
N SER A 181 18.72 -3.73 12.69
CA SER A 181 19.24 -4.68 11.73
C SER A 181 18.71 -6.09 11.98
N GLN A 182 18.08 -6.33 13.12
CA GLN A 182 17.60 -7.63 13.52
C GLN A 182 16.32 -7.98 12.76
N PRO A 183 16.22 -9.16 12.17
CA PRO A 183 14.93 -9.59 11.61
C PRO A 183 14.05 -10.19 12.70
N ALA A 184 12.73 -10.09 12.49
CA ALA A 184 11.80 -10.74 13.42
C ALA A 184 11.96 -12.26 13.32
N ASP A 185 11.42 -12.98 14.31
CA ASP A 185 11.71 -14.41 14.49
C ASP A 185 10.82 -15.34 13.66
N THR A 186 9.88 -14.82 12.86
CA THR A 186 9.06 -15.62 11.96
C THR A 186 8.84 -14.84 10.67
N GLU A 187 8.40 -15.53 9.62
CA GLU A 187 8.11 -14.82 8.37
C GLU A 187 6.97 -13.82 8.56
N GLU A 188 5.96 -14.17 9.36
CA GLU A 188 4.84 -13.25 9.54
C GLU A 188 5.29 -11.95 10.22
N GLY A 189 6.32 -12.03 11.06
CA GLY A 189 6.91 -10.85 11.68
C GLY A 189 7.78 -10.08 10.71
N ARG A 190 8.64 -10.79 9.95
CA ARG A 190 9.43 -10.12 8.93
C ARG A 190 8.54 -9.40 7.93
N ILE A 191 7.48 -10.07 7.48
CA ILE A 191 6.49 -9.41 6.64
C ILE A 191 5.82 -8.27 7.38
N GLU A 192 5.44 -8.50 8.64
CA GLU A 192 4.86 -7.41 9.43
C GLU A 192 5.83 -6.25 9.52
N GLN A 193 7.06 -6.52 9.97
CA GLN A 193 8.08 -5.49 10.05
C GLN A 193 8.24 -4.76 8.72
N TYR A 194 8.00 -5.45 7.60
CA TYR A 194 8.22 -4.84 6.30
C TYR A 194 7.07 -3.92 5.89
N LYS A 195 5.83 -4.36 6.10
CA LYS A 195 4.69 -3.51 5.80
C LYS A 195 4.70 -2.24 6.66
N ARG A 196 5.03 -2.41 7.94
CA ARG A 196 5.16 -1.28 8.85
C ARG A 196 6.16 -0.28 8.31
N THR A 197 7.30 -0.79 7.86
CA THR A 197 8.37 0.11 7.45
C THR A 197 8.01 0.85 6.16
N MET A 198 7.38 0.15 5.22
CA MET A 198 6.94 0.83 4.01
C MET A 198 5.83 1.83 4.31
N PHE A 199 4.94 1.51 5.24
CA PHE A 199 3.90 2.50 5.57
C PHE A 199 4.50 3.76 6.20
N TRP A 200 5.41 3.60 7.16
CA TRP A 200 6.07 4.73 7.78
C TRP A 200 6.76 5.62 6.76
N LEU A 201 7.49 5.02 5.82
CA LEU A 201 8.19 5.81 4.79
C LEU A 201 7.20 6.54 3.90
N GLU A 202 6.09 5.90 3.56
CA GLU A 202 5.18 6.58 2.65
C GLU A 202 4.26 7.56 3.38
N PHE A 203 3.71 7.15 4.51
CA PHE A 203 2.61 7.86 5.13
C PHE A 203 2.95 8.61 6.41
N GLU A 204 4.22 8.59 6.85
CA GLU A 204 4.52 9.13 8.17
C GLU A 204 5.71 10.07 8.19
N ILE A 205 6.88 9.60 7.71
CA ILE A 205 8.13 10.34 7.95
C ILE A 205 8.08 11.74 7.33
N ARG A 206 7.65 11.85 6.06
CA ARG A 206 7.63 13.17 5.42
C ARG A 206 6.56 14.05 6.06
N GLN A 207 5.38 13.49 6.30
CA GLN A 207 4.28 14.26 6.88
C GLN A 207 4.62 14.74 8.29
N TYR A 208 5.14 13.85 9.15
CA TYR A 208 5.32 14.23 10.54
C TYR A 208 6.54 15.12 10.75
N THR A 209 7.64 14.85 10.06
CA THR A 209 8.85 15.63 10.28
C THR A 209 8.80 17.01 9.65
N HIS A 210 7.78 17.28 8.81
CA HIS A 210 7.58 18.63 8.30
C HIS A 210 6.25 19.23 8.72
N SER A 211 5.61 18.63 9.72
CA SER A 211 4.34 19.17 10.17
C SER A 211 4.56 20.50 10.88
N ASN A 212 3.46 21.22 11.03
CA ASN A 212 3.46 22.62 11.44
C ASN A 212 3.72 22.73 12.94
N ILE A 213 5.00 22.79 13.34
CA ILE A 213 5.36 23.09 14.72
C ILE A 213 6.44 24.16 14.72
N THR A 214 6.20 25.24 15.46
CA THR A 214 7.20 26.26 15.68
C THR A 214 7.67 26.20 17.12
N LEU A 215 8.83 26.81 17.39
CA LEU A 215 9.32 26.85 18.77
C LEU A 215 8.46 27.75 19.66
N ASP A 216 7.73 28.72 19.07
CA ASP A 216 6.68 29.44 19.79
C ASP A 216 5.77 28.48 20.54
N ASP A 217 5.36 27.39 19.87
CA ASP A 217 4.45 26.42 20.43
C ASP A 217 5.03 25.72 21.66
N PHE A 218 6.35 25.72 21.81
CA PHE A 218 6.95 25.20 23.04
C PHE A 218 6.94 26.27 24.13
N THR A 219 7.20 27.52 23.76
CA THR A 219 7.42 28.60 24.72
C THR A 219 6.24 28.76 25.67
N LYS A 220 5.02 28.60 25.15
CA LYS A 220 3.83 28.73 25.97
C LYS A 220 3.91 27.82 27.18
N TYR A 221 4.47 26.61 26.99
CA TYR A 221 4.32 25.48 27.90
C TYR A 221 5.67 24.94 28.36
N SER A 222 6.67 25.84 28.43
CA SER A 222 8.02 25.46 28.87
C SER A 222 8.00 24.71 30.20
N ASP A 223 7.08 25.09 31.11
CA ASP A 223 7.01 24.47 32.43
C ASP A 223 6.81 22.95 32.32
N LYS A 224 6.06 22.49 31.33
CA LYS A 224 5.73 21.07 31.24
C LYS A 224 6.75 20.22 30.49
N ILE A 225 7.52 20.81 29.59
CA ILE A 225 8.26 20.07 28.58
C ILE A 225 9.60 19.61 29.13
N THR A 226 9.85 18.30 29.06
CA THR A 226 11.19 17.73 29.21
C THR A 226 11.60 17.10 27.89
N LEU A 227 12.89 17.20 27.56
CA LEU A 227 13.45 16.57 26.36
C LEU A 227 14.42 15.47 26.79
N LEU A 228 14.37 14.34 26.09
CA LEU A 228 15.09 13.15 26.50
C LEU A 228 16.08 12.75 25.40
N ASN A 229 17.35 12.61 25.80
CA ASN A 229 18.41 12.17 24.90
C ASN A 229 18.96 10.85 25.42
N GLY A 230 18.99 9.85 24.54
CA GLY A 230 19.70 8.64 24.87
C GLY A 230 21.16 8.91 25.18
N THR A 231 21.66 8.41 26.32
CA THR A 231 23.11 8.38 26.55
C THR A 231 23.83 7.47 25.57
N ASP A 232 23.11 6.69 24.78
CA ASP A 232 23.68 5.73 23.85
C ASP A 232 23.45 6.10 22.39
N SER A 233 22.89 7.28 22.11
CA SER A 233 22.58 7.74 20.76
C SER A 233 23.24 9.09 20.45
N ARG A 234 24.46 9.29 20.97
CA ARG A 234 25.20 10.53 20.78
C ARG A 234 25.46 10.85 19.32
N GLY A 235 25.30 12.13 18.96
CA GLY A 235 25.60 12.60 17.63
C GLY A 235 24.63 12.11 16.57
N SER A 236 23.57 11.42 16.97
CA SER A 236 22.51 11.11 16.04
C SER A 236 21.67 12.35 15.81
N PHE A 237 20.99 12.39 14.68
CA PHE A 237 20.28 13.61 14.30
C PHE A 237 19.21 14.06 15.29
N PRO A 238 18.40 13.19 15.93
CA PRO A 238 17.42 13.70 16.92
C PRO A 238 18.04 14.41 18.10
N GLN A 239 19.19 13.96 18.61
CA GLN A 239 19.83 14.67 19.71
C GLN A 239 20.12 16.12 19.31
N ASP A 240 20.60 16.33 18.08
CA ASP A 240 20.83 17.68 17.57
C ASP A 240 19.53 18.47 17.49
N VAL A 241 18.41 17.78 17.24
CA VAL A 241 17.11 18.46 17.28
C VAL A 241 16.82 18.95 18.71
N ASN A 242 16.97 18.06 19.68
CA ASN A 242 16.79 18.46 21.08
C ASN A 242 17.83 19.49 21.52
N PHE A 243 19.06 19.40 20.99
CA PHE A 243 20.08 20.41 21.32
C PHE A 243 19.65 21.80 20.85
N TYR A 244 19.07 21.87 19.64
CA TYR A 244 18.61 23.15 19.12
C TYR A 244 17.47 23.71 19.97
N ILE A 245 16.49 22.87 20.31
CA ILE A 245 15.36 23.34 21.12
C ILE A 245 15.87 23.96 22.41
N ASN A 246 16.67 23.18 23.15
CA ASN A 246 17.20 23.65 24.43
C ASN A 246 17.94 24.97 24.24
N LYS A 247 18.67 25.10 23.12
CA LYS A 247 19.46 26.30 22.86
C LYS A 247 18.56 27.52 22.67
N GLU A 248 17.44 27.35 21.96
CA GLU A 248 16.62 28.48 21.57
C GLU A 248 15.51 28.77 22.57
N THR A 249 15.06 27.78 23.31
CA THR A 249 13.95 27.98 24.23
C THR A 249 14.37 28.02 25.68
N GLY A 250 15.45 27.34 26.04
CA GLY A 250 15.80 27.16 27.43
C GLY A 250 15.25 25.89 28.05
N ILE A 251 14.35 25.20 27.35
CA ILE A 251 13.76 23.95 27.83
C ILE A 251 14.86 22.90 27.99
N PRO A 252 14.97 22.23 29.13
CA PRO A 252 16.16 21.41 29.42
C PRO A 252 16.10 20.01 28.81
N ILE A 253 17.27 19.36 28.80
CA ILE A 253 17.43 17.99 28.30
C ILE A 253 17.82 17.09 29.46
N VAL A 254 17.10 15.98 29.62
CA VAL A 254 17.46 14.95 30.60
C VAL A 254 17.99 13.74 29.84
N ASP A 255 19.21 13.33 30.17
CA ASP A 255 19.83 12.16 29.57
C ASP A 255 19.22 10.87 30.13
N ILE A 256 19.07 9.87 29.27
CA ILE A 256 18.35 8.66 29.68
C ILE A 256 18.97 7.45 28.99
N PRO A 257 19.20 6.35 29.72
CA PRO A 257 19.98 5.23 29.15
C PRO A 257 19.29 4.56 27.97
N GLY A 258 20.11 4.01 27.09
CA GLY A 258 19.64 3.50 25.82
C GLY A 258 19.80 4.53 24.73
N GLY A 259 19.26 4.18 23.56
CA GLY A 259 19.36 5.07 22.42
C GLY A 259 17.99 5.50 21.96
N HIS A 260 17.81 5.56 20.63
CA HIS A 260 16.51 5.90 20.07
C HIS A 260 15.43 4.98 20.61
N LEU A 261 15.75 3.69 20.78
CA LEU A 261 14.84 2.70 21.35
C LEU A 261 15.14 2.43 22.84
N GLY A 262 15.58 3.44 23.58
CA GLY A 262 16.14 3.21 24.91
C GLY A 262 15.15 2.57 25.88
N TYR A 263 13.87 2.96 25.80
CA TYR A 263 12.86 2.48 26.75
C TYR A 263 12.70 0.97 26.74
N ILE A 264 13.15 0.28 25.69
CA ILE A 264 13.11 -1.18 25.67
C ILE A 264 14.50 -1.79 25.74
N GLN A 265 15.54 -1.10 25.25
CA GLN A 265 16.90 -1.57 25.42
C GLN A 265 17.30 -1.60 26.89
N LYS A 266 16.94 -0.56 27.64
CA LYS A 266 17.32 -0.43 29.05
C LYS A 266 16.11 0.02 29.88
N PRO A 267 15.04 -0.78 29.92
CA PRO A 267 13.78 -0.30 30.51
C PRO A 267 13.86 -0.10 32.01
N GLU A 268 14.96 -0.49 32.67
CA GLU A 268 15.11 -0.24 34.10
C GLU A 268 15.79 1.10 34.38
N GLY A 269 16.81 1.46 33.60
CA GLY A 269 17.39 2.79 33.72
C GLY A 269 16.50 3.88 33.13
N PHE A 270 15.76 3.55 32.08
CA PHE A 270 14.75 4.47 31.57
C PHE A 270 13.71 4.78 32.65
N ALA A 271 13.19 3.73 33.27
CA ALA A 271 12.18 3.89 34.30
C ALA A 271 12.70 4.70 35.46
N ASP A 272 13.96 4.47 35.85
CA ASP A 272 14.52 5.14 37.02
C ASP A 272 14.63 6.64 36.78
N VAL A 273 15.08 7.02 35.59
CA VAL A 273 15.11 8.44 35.19
C VAL A 273 13.73 9.05 35.31
N LEU A 274 12.71 8.40 34.70
CA LEU A 274 11.37 8.96 34.67
C LEU A 274 10.79 9.13 36.08
N LEU A 275 11.10 8.20 36.99
CA LEU A 275 10.58 8.34 38.35
C LEU A 275 11.20 9.55 39.05
N ASN A 276 12.47 9.84 38.77
CA ASN A 276 13.08 11.03 39.37
C ASN A 276 12.60 12.31 38.69
N MET A 277 12.30 12.26 37.39
CA MET A 277 11.68 13.43 36.75
C MET A 277 10.36 13.79 37.39
N TRP A 278 9.44 12.83 37.50
CA TRP A 278 8.03 13.15 37.65
C TRP A 278 7.34 12.53 38.86
N GLY A 279 8.00 11.65 39.61
CA GLY A 279 7.35 10.94 40.71
C GLY A 279 7.40 11.62 42.06
N GLY B 3 -6.87 -8.94 24.84
CA GLY B 3 -6.16 -8.54 26.04
C GLY B 3 -5.94 -7.04 26.14
N MET B 4 -6.18 -6.33 25.04
CA MET B 4 -5.95 -4.89 24.97
C MET B 4 -7.22 -4.11 25.24
N GLU B 5 -7.07 -2.86 25.70
CA GLU B 5 -8.20 -1.96 25.87
C GLU B 5 -8.54 -1.29 24.54
N THR B 6 -9.76 -0.77 24.44
CA THR B 6 -10.23 -0.16 23.20
C THR B 6 -10.97 1.14 23.49
N LEU B 7 -10.78 2.13 22.63
CA LEU B 7 -11.45 3.43 22.71
C LEU B 7 -11.92 3.76 21.31
N GLU B 8 -13.19 3.51 21.02
CA GLU B 8 -13.66 3.67 19.65
C GLU B 8 -13.72 5.15 19.33
N LEU B 9 -12.98 5.57 18.33
CA LEU B 9 -12.91 6.94 17.90
C LEU B 9 -13.55 7.06 16.52
N GLN B 10 -13.59 8.28 16.01
CA GLN B 10 -14.07 8.52 14.65
C GLN B 10 -13.10 7.89 13.66
N GLY B 11 -13.55 6.91 12.89
CA GLY B 11 -12.73 6.32 11.86
C GLY B 11 -11.71 5.32 12.32
N ALA B 12 -11.76 4.90 13.59
CA ALA B 12 -10.82 3.91 14.10
C ALA B 12 -11.25 3.42 15.47
N LYS B 13 -10.90 2.17 15.76
CA LYS B 13 -10.87 1.64 17.13
C LYS B 13 -9.41 1.72 17.59
N LEU B 14 -9.16 2.53 18.62
CA LEU B 14 -7.80 2.74 19.13
C LEU B 14 -7.53 1.73 20.25
N ARG B 15 -6.49 0.92 20.08
CA ARG B 15 -6.18 -0.12 21.06
C ARG B 15 -4.94 0.27 21.85
N TYR B 16 -4.97 0.02 23.15
CA TYR B 16 -3.89 0.47 24.00
C TYR B 16 -3.74 -0.52 25.13
N HIS B 17 -2.51 -0.67 25.58
CA HIS B 17 -2.27 -1.40 26.81
C HIS B 17 -2.56 -0.48 27.99
N GLN B 18 -2.90 -1.10 29.12
CA GLN B 18 -3.10 -0.37 30.36
C GLN B 18 -2.67 -1.23 31.53
N VAL B 19 -1.70 -0.74 32.32
CA VAL B 19 -1.24 -1.47 33.50
C VAL B 19 -0.90 -0.45 34.59
N GLY B 20 -0.85 -0.94 35.82
CA GLY B 20 -0.46 -0.12 36.94
C GLY B 20 -1.62 0.62 37.57
N GLN B 21 -1.26 1.68 38.27
CA GLN B 21 -2.25 2.50 38.94
C GLN B 21 -1.59 3.78 39.44
N GLY B 22 -2.40 4.81 39.65
CA GLY B 22 -1.92 6.15 39.89
C GLY B 22 -2.15 7.03 38.68
N PRO B 23 -1.53 8.22 38.64
CA PRO B 23 -1.82 9.17 37.57
C PRO B 23 -1.57 8.53 36.20
N VAL B 24 -2.38 8.94 35.23
CA VAL B 24 -2.26 8.42 33.89
C VAL B 24 -0.98 8.93 33.25
N LEU B 25 -0.22 8.05 32.61
CA LEU B 25 0.92 8.44 31.78
C LEU B 25 0.84 7.70 30.45
N ILE B 26 0.81 8.46 29.36
CA ILE B 26 0.53 7.92 28.03
C ILE B 26 1.82 7.90 27.22
N PHE B 27 2.19 6.73 26.73
CA PHE B 27 3.35 6.58 25.86
C PHE B 27 2.87 6.54 24.43
N ILE B 28 3.48 7.33 23.56
CA ILE B 28 3.18 7.39 22.14
C ILE B 28 4.35 6.77 21.37
N PRO B 29 4.13 5.69 20.62
CA PRO B 29 5.23 5.05 19.90
C PRO B 29 5.66 5.84 18.67
N GLY B 30 6.92 5.62 18.30
CA GLY B 30 7.54 6.14 17.09
C GLY B 30 7.29 5.28 15.87
N ALA B 31 8.34 5.06 15.04
CA ALA B 31 8.17 4.36 13.78
C ALA B 31 7.64 2.96 13.98
N ASN B 32 7.93 2.37 15.15
CA ASN B 32 7.32 1.11 15.56
C ASN B 32 5.78 1.17 15.52
N GLY B 33 5.21 2.29 15.98
CA GLY B 33 3.78 2.52 15.90
C GLY B 33 2.92 1.78 16.91
N THR B 34 3.49 0.87 17.72
CA THR B 34 2.67 0.10 18.63
C THR B 34 3.15 0.20 20.07
N GLY B 35 2.22 0.02 21.00
CA GLY B 35 2.52 0.27 22.39
C GLY B 35 3.29 -0.84 23.07
N ASP B 36 3.32 -2.03 22.46
CA ASP B 36 3.97 -3.16 23.10
C ASP B 36 5.45 -2.89 23.38
N ILE B 37 6.09 -2.00 22.60
CA ILE B 37 7.50 -1.70 22.82
C ILE B 37 7.75 -1.11 24.21
N PHE B 38 6.72 -0.56 24.85
CA PHE B 38 6.83 0.11 26.13
C PHE B 38 6.50 -0.81 27.31
N LEU B 39 6.14 -2.07 27.06
CA LEU B 39 5.67 -2.95 28.12
C LEU B 39 6.75 -3.34 29.14
N PRO B 40 8.02 -3.56 28.76
CA PRO B 40 9.01 -3.83 29.81
C PRO B 40 9.29 -2.60 30.64
N LEU B 41 9.25 -1.42 30.01
CA LEU B 41 9.27 -0.16 30.74
C LEU B 41 8.03 -0.02 31.62
N ALA B 42 6.88 -0.51 31.13
CA ALA B 42 5.62 -0.33 31.84
C ALA B 42 5.61 -1.11 33.15
N GLU B 43 6.03 -2.38 33.12
CA GLU B 43 6.05 -3.17 34.36
C GLU B 43 6.97 -2.55 35.40
N GLN B 44 8.01 -1.83 34.96
CA GLN B 44 8.83 -1.08 35.91
C GLN B 44 8.11 0.16 36.48
N LEU B 45 7.13 0.71 35.77
CA LEU B 45 6.47 1.95 36.18
C LEU B 45 5.11 1.72 36.85
N LYS B 46 4.53 0.52 36.72
CA LYS B 46 3.13 0.29 37.03
C LYS B 46 2.81 0.55 38.51
N ASP B 47 3.78 0.37 39.40
CA ASP B 47 3.55 0.69 40.81
C ASP B 47 3.28 2.18 41.01
N HIS B 48 3.69 3.05 40.07
CA HIS B 48 3.58 4.49 40.27
C HIS B 48 2.63 5.19 39.33
N PHE B 49 2.48 4.72 38.10
CA PHE B 49 1.56 5.32 37.14
C PHE B 49 0.60 4.27 36.63
N THR B 50 -0.59 4.72 36.23
CA THR B 50 -1.43 3.95 35.32
C THR B 50 -0.81 4.09 33.94
N VAL B 51 -0.02 3.10 33.55
CA VAL B 51 0.71 3.18 32.29
C VAL B 51 -0.24 2.88 31.13
N VAL B 52 -0.28 3.77 30.16
CA VAL B 52 -1.06 3.59 28.93
C VAL B 52 -0.09 3.66 27.77
N ALA B 53 0.05 2.56 27.03
CA ALA B 53 0.87 2.50 25.83
C ALA B 53 -0.05 2.19 24.65
N VAL B 54 -0.12 3.11 23.72
CA VAL B 54 -1.12 3.10 22.66
C VAL B 54 -0.53 2.46 21.41
N ASP B 55 -1.34 1.66 20.72
CA ASP B 55 -1.14 1.35 19.30
C ASP B 55 -1.82 2.47 18.51
N ARG B 56 -1.03 3.29 17.81
CA ARG B 56 -1.63 4.36 17.02
C ARG B 56 -2.50 3.77 15.91
N ARG B 57 -3.55 4.50 15.54
CA ARG B 57 -4.69 3.88 14.86
C ARG B 57 -4.28 3.10 13.62
N ASP B 58 -3.24 3.53 12.91
CA ASP B 58 -2.85 2.83 11.69
C ASP B 58 -1.95 1.61 11.94
N TYR B 59 -1.74 1.18 13.20
CA TYR B 59 -0.76 0.12 13.46
C TYR B 59 -1.30 -0.93 14.40
N GLY B 60 -0.73 -2.12 14.30
CA GLY B 60 -0.92 -3.12 15.35
C GLY B 60 -2.36 -3.50 15.50
N GLU B 61 -2.84 -3.47 16.74
CA GLU B 61 -4.18 -3.96 17.07
C GLU B 61 -5.26 -2.92 16.85
N SER B 62 -4.89 -1.64 16.83
CA SER B 62 -5.79 -0.61 16.31
C SER B 62 -6.20 -0.98 14.89
N GLU B 63 -7.33 -0.44 14.43
CA GLU B 63 -7.84 -0.74 13.11
C GLU B 63 -8.73 0.40 12.65
N LEU B 64 -8.47 0.92 11.46
CA LEU B 64 -9.34 1.94 10.92
C LEU B 64 -10.68 1.32 10.58
N THR B 65 -11.74 2.13 10.72
CA THR B 65 -13.04 1.64 10.34
C THR B 65 -13.58 2.30 9.07
N GLU B 66 -13.01 3.42 8.65
CA GLU B 66 -13.12 3.95 7.31
C GLU B 66 -11.68 4.05 6.76
N PRO B 67 -11.50 4.17 5.45
CA PRO B 67 -10.14 4.17 4.90
C PRO B 67 -9.46 5.53 5.07
N LEU B 68 -8.15 5.50 4.93
CA LEU B 68 -7.36 6.73 4.89
C LEU B 68 -7.74 7.54 3.67
N PRO B 69 -7.80 8.87 3.78
CA PRO B 69 -7.99 9.68 2.57
C PRO B 69 -6.88 9.39 1.60
N ASP B 70 -7.25 9.23 0.32
CA ASP B 70 -6.26 8.97 -0.72
C ASP B 70 -5.09 9.95 -0.62
N SER B 71 -5.38 11.19 -0.21
CA SER B 71 -4.41 12.27 -0.05
C SER B 71 -3.50 12.10 1.16
N ALA B 72 -3.74 11.12 2.04
CA ALA B 72 -2.77 10.85 3.08
C ALA B 72 -1.45 10.37 2.49
N SER B 73 -1.49 9.86 1.26
CA SER B 73 -0.30 9.42 0.55
C SER B 73 0.63 10.56 0.17
N ASN B 74 0.19 11.80 0.31
CA ASN B 74 0.85 12.99 -0.19
C ASN B 74 1.84 13.53 0.85
N PRO B 75 3.04 13.96 0.41
CA PRO B 75 4.09 14.27 1.39
C PRO B 75 3.74 15.37 2.38
N ASP B 76 3.02 16.42 1.99
CA ASP B 76 2.68 17.47 2.95
C ASP B 76 1.26 17.32 3.50
N SER B 77 0.69 16.11 3.42
CA SER B 77 -0.59 15.84 4.03
C SER B 77 -0.56 16.09 5.53
N ASP B 78 -1.68 16.58 6.01
CA ASP B 78 -1.87 16.98 7.40
C ASP B 78 -2.59 15.94 8.23
N TYR B 79 -3.32 15.02 7.59
CA TYR B 79 -4.40 14.31 8.26
C TYR B 79 -3.88 13.39 9.36
N ARG B 80 -3.00 12.45 9.03
CA ARG B 80 -2.66 11.42 10.01
C ARG B 80 -2.15 12.03 11.31
N VAL B 81 -1.31 13.06 11.22
CA VAL B 81 -0.64 13.56 12.41
C VAL B 81 -1.61 14.32 13.29
N LYS B 82 -2.54 15.07 12.72
CA LYS B 82 -3.56 15.72 13.55
C LYS B 82 -4.54 14.69 14.11
N ARG B 83 -4.87 13.66 13.32
CA ARG B 83 -5.78 12.63 13.80
C ARG B 83 -5.14 11.86 14.96
N ASP B 84 -3.84 11.55 14.86
CA ASP B 84 -3.16 10.86 15.96
C ASP B 84 -3.12 11.72 17.22
N ALA B 85 -2.93 13.03 17.08
CA ALA B 85 -2.88 13.89 18.25
C ALA B 85 -4.23 13.95 18.94
N GLN B 86 -5.29 14.08 18.14
CA GLN B 86 -6.64 14.07 18.69
C GLN B 86 -6.97 12.73 19.33
N ASP B 87 -6.48 11.64 18.75
CA ASP B 87 -6.57 10.32 19.39
C ASP B 87 -6.08 10.37 20.83
N ILE B 88 -4.89 10.95 21.05
CA ILE B 88 -4.30 11.00 22.38
C ILE B 88 -5.13 11.87 23.31
N ALA B 89 -5.63 13.01 22.81
CA ALA B 89 -6.46 13.89 23.62
C ALA B 89 -7.72 13.17 24.12
N GLU B 90 -8.40 12.45 23.22
CA GLU B 90 -9.58 11.69 23.62
C GLU B 90 -9.21 10.54 24.56
N LEU B 91 -8.06 9.92 24.34
CA LEU B 91 -7.62 8.88 25.27
C LEU B 91 -7.49 9.44 26.68
N ALA B 92 -6.72 10.51 26.86
CA ALA B 92 -6.54 11.12 28.17
C ALA B 92 -7.88 11.47 28.79
N LYS B 93 -8.65 12.29 28.07
CA LYS B 93 -9.96 12.69 28.57
C LYS B 93 -10.77 11.49 29.03
N SER B 94 -10.76 10.41 28.25
CA SER B 94 -11.56 9.24 28.62
C SER B 94 -11.07 8.56 29.89
N LEU B 95 -9.76 8.66 30.20
CA LEU B 95 -9.21 7.97 31.36
C LEU B 95 -9.10 8.83 32.61
N SER B 96 -9.06 10.16 32.46
CA SER B 96 -8.68 11.02 33.57
C SER B 96 -9.42 12.33 33.47
N ASP B 97 -10.07 12.72 34.57
CA ASP B 97 -10.64 14.05 34.68
C ASP B 97 -9.57 15.14 34.74
N GLU B 98 -8.31 14.79 35.02
CA GLU B 98 -7.23 15.73 35.23
C GLU B 98 -6.19 15.56 34.13
N PRO B 99 -5.40 16.60 33.85
CA PRO B 99 -4.32 16.45 32.85
C PRO B 99 -3.37 15.33 33.21
N VAL B 100 -2.86 14.64 32.20
CA VAL B 100 -2.07 13.42 32.38
C VAL B 100 -0.64 13.70 31.98
N TYR B 101 0.23 12.71 32.22
CA TYR B 101 1.59 12.74 31.72
C TYR B 101 1.65 12.10 30.33
N ILE B 102 2.47 12.66 29.44
CA ILE B 102 2.65 12.09 28.10
C ILE B 102 4.12 12.06 27.72
N LEU B 103 4.56 10.94 27.15
CA LEU B 103 5.88 10.79 26.56
C LEU B 103 5.74 10.20 25.16
N GLY B 104 6.32 10.86 24.17
CA GLY B 104 6.37 10.34 22.82
C GLY B 104 7.82 10.13 22.42
N SER B 105 8.05 9.09 21.59
CA SER B 105 9.38 8.74 21.09
C SER B 105 9.44 8.94 19.58
N SER B 106 10.43 9.70 19.12
CA SER B 106 10.72 9.87 17.68
C SER B 106 9.49 10.52 17.05
N SER B 107 8.96 10.01 15.93
CA SER B 107 7.78 10.61 15.35
C SER B 107 6.61 10.60 16.32
N GLY B 108 6.66 9.71 17.31
CA GLY B 108 5.62 9.71 18.34
C GLY B 108 5.73 10.92 19.24
N SER B 109 6.94 11.45 19.43
CA SER B 109 7.01 12.72 20.14
C SER B 109 6.56 13.89 19.27
N ILE B 110 6.63 13.77 17.94
CA ILE B 110 5.97 14.77 17.11
C ILE B 110 4.46 14.73 17.35
N VAL B 111 3.87 13.54 17.46
CA VAL B 111 2.45 13.51 17.86
C VAL B 111 2.28 14.25 19.17
N ALA B 112 3.17 14.00 20.13
CA ALA B 112 3.11 14.68 21.41
C ALA B 112 3.19 16.19 21.27
N MET B 113 3.95 16.69 20.29
CA MET B 113 3.98 18.13 20.09
C MET B 113 2.62 18.64 19.64
N HIS B 114 1.95 17.90 18.75
CA HIS B 114 0.63 18.34 18.28
C HIS B 114 -0.44 18.23 19.37
N VAL B 115 -0.34 17.25 20.27
CA VAL B 115 -1.22 17.16 21.43
C VAL B 115 -1.09 18.41 22.29
N LEU B 116 0.15 18.80 22.62
CA LEU B 116 0.37 19.98 23.45
C LEU B 116 -0.02 21.25 22.70
N LYS B 117 0.05 21.23 21.37
CA LYS B 117 -0.41 22.38 20.59
C LYS B 117 -1.93 22.48 20.59
N ASP B 118 -2.60 21.45 20.08
CA ASP B 118 -4.04 21.50 19.82
C ASP B 118 -4.86 21.29 21.09
N TYR B 119 -4.40 20.42 21.97
CA TYR B 119 -5.16 20.05 23.15
C TYR B 119 -4.30 20.22 24.40
N PRO B 120 -3.92 21.45 24.73
CA PRO B 120 -3.05 21.64 25.91
C PRO B 120 -3.68 21.22 27.21
N GLU B 121 -5.02 21.27 27.31
CA GLU B 121 -5.75 20.98 28.55
C GLU B 121 -5.53 19.56 29.06
N VAL B 122 -5.04 18.62 28.24
CA VAL B 122 -4.84 17.25 28.71
C VAL B 122 -3.39 16.97 29.10
N VAL B 123 -2.51 17.98 29.04
CA VAL B 123 -1.08 17.80 29.29
C VAL B 123 -0.76 18.38 30.66
N LYS B 124 -0.33 17.52 31.58
CA LYS B 124 0.20 17.97 32.87
C LYS B 124 1.71 18.13 32.79
N LYS B 125 2.39 17.10 32.30
CA LYS B 125 3.76 17.20 31.85
C LYS B 125 3.86 16.44 30.55
N ILE B 126 4.88 16.76 29.76
CA ILE B 126 5.10 16.08 28.50
C ILE B 126 6.59 15.88 28.32
N ALA B 127 6.96 14.78 27.67
CA ALA B 127 8.37 14.48 27.40
C ALA B 127 8.54 14.08 25.93
N PHE B 128 9.51 14.72 25.26
CA PHE B 128 9.85 14.43 23.86
C PHE B 128 11.16 13.63 23.87
N HIS B 129 11.04 12.34 23.60
CA HIS B 129 12.23 11.49 23.48
C HIS B 129 12.70 11.59 22.04
N GLU B 130 13.87 12.19 21.84
CA GLU B 130 14.59 12.27 20.58
C GLU B 130 13.65 12.54 19.41
N PRO B 131 13.13 13.77 19.28
CA PRO B 131 12.21 14.10 18.18
C PRO B 131 12.97 14.31 16.88
N PRO B 132 12.42 13.82 15.76
CA PRO B 132 13.08 13.99 14.44
C PRO B 132 12.51 15.10 13.57
N ILE B 133 11.67 15.98 14.11
CA ILE B 133 11.01 16.99 13.29
C ILE B 133 12.02 18.04 12.85
N ASN B 134 11.88 18.52 11.61
CA ASN B 134 12.83 19.48 11.07
C ASN B 134 12.25 20.84 10.67
N THR B 135 10.92 21.05 10.80
CA THR B 135 10.27 22.24 10.24
C THR B 135 10.83 23.54 10.80
N PHE B 136 11.12 23.59 12.10
CA PHE B 136 11.67 24.80 12.72
C PHE B 136 13.21 24.79 12.82
N LEU B 137 13.89 23.83 12.18
CA LEU B 137 15.35 23.81 12.25
C LEU B 137 15.93 24.92 11.37
N PRO B 138 17.13 25.42 11.69
CA PRO B 138 17.79 26.35 10.77
C PRO B 138 18.43 25.66 9.57
N ASP B 139 18.54 24.34 9.62
CA ASP B 139 18.95 23.51 8.49
C ASP B 139 17.77 22.65 8.06
N SER B 140 16.58 23.26 8.00
CA SER B 140 15.34 22.51 7.80
C SER B 140 15.18 22.00 6.37
N THR B 141 15.58 22.80 5.37
CA THR B 141 15.46 22.38 3.97
C THR B 141 16.35 21.18 3.69
N TYR B 142 17.56 21.18 4.25
CA TYR B 142 18.45 20.02 4.12
C TYR B 142 17.74 18.74 4.54
N TRP B 143 17.19 18.72 5.75
CA TRP B 143 16.61 17.48 6.25
C TRP B 143 15.27 17.19 5.61
N LYS B 144 14.54 18.23 5.17
CA LYS B 144 13.33 17.97 4.41
C LYS B 144 13.65 17.30 3.09
N ASP B 145 14.47 17.97 2.26
CA ASP B 145 14.88 17.40 0.97
C ASP B 145 15.39 15.98 1.10
N LYS B 146 16.15 15.68 2.16
CA LYS B 146 16.74 14.35 2.29
C LYS B 146 15.70 13.30 2.60
N ASN B 147 14.77 13.58 3.52
CA ASN B 147 13.65 12.68 3.75
C ASN B 147 12.86 12.47 2.47
N ASP B 148 12.65 13.56 1.71
CA ASP B 148 11.90 13.50 0.46
C ASP B 148 12.61 12.61 -0.56
N ASP B 149 13.94 12.74 -0.65
CA ASP B 149 14.73 12.03 -1.64
C ASP B 149 14.90 10.55 -1.29
N ILE B 150 15.16 10.22 -0.01
CA ILE B 150 15.32 8.81 0.34
C ILE B 150 14.00 8.07 0.13
N VAL B 151 12.88 8.72 0.35
CA VAL B 151 11.59 8.06 0.17
C VAL B 151 11.33 7.83 -1.30
N HIS B 152 11.54 8.86 -2.13
CA HIS B 152 11.42 8.67 -3.57
C HIS B 152 12.28 7.51 -4.01
N GLN B 153 13.54 7.52 -3.57
CA GLN B 153 14.50 6.51 -3.99
C GLN B 153 14.06 5.09 -3.61
N ILE B 154 13.63 4.89 -2.37
CA ILE B 154 13.27 3.55 -1.93
C ILE B 154 12.03 3.04 -2.66
N LEU B 155 11.01 3.89 -2.79
CA LEU B 155 9.74 3.48 -3.39
C LEU B 155 9.91 3.15 -4.86
N THR B 156 10.52 4.06 -5.63
CA THR B 156 10.57 3.94 -7.09
C THR B 156 11.79 3.14 -7.59
N GLU B 157 12.99 3.56 -7.20
CA GLU B 157 14.22 2.98 -7.75
C GLU B 157 14.23 1.44 -7.74
N GLY B 158 13.79 0.83 -6.64
CA GLY B 158 13.71 -0.62 -6.62
C GLY B 158 12.72 -1.17 -7.64
N LEU B 159 11.62 -0.45 -7.86
CA LEU B 159 10.55 -0.91 -8.75
C LEU B 159 10.92 -0.77 -10.23
N GLU B 160 11.61 0.32 -10.60
CA GLU B 160 11.94 0.55 -12.00
C GLU B 160 12.94 -0.48 -12.52
N LYS B 161 13.95 -0.84 -11.72
CA LYS B 161 14.90 -1.86 -12.16
C LYS B 161 14.21 -3.21 -12.28
N GLY B 162 13.30 -3.51 -11.37
CA GLY B 162 12.65 -4.81 -11.36
C GLY B 162 11.78 -5.06 -12.58
N MET B 163 11.01 -4.07 -12.99
CA MET B 163 10.19 -4.29 -14.19
C MET B 163 11.06 -4.42 -15.42
N LYS B 164 12.20 -3.74 -15.43
CA LYS B 164 13.09 -3.77 -16.59
C LYS B 164 13.63 -5.18 -16.82
N THR B 165 14.11 -5.82 -15.76
CA THR B 165 14.60 -7.19 -15.92
C THR B 165 13.44 -8.17 -16.09
N PHE B 166 12.33 -7.91 -15.39
CA PHE B 166 11.15 -8.75 -15.54
C PHE B 166 10.71 -8.83 -17.00
N GLY B 167 10.68 -7.67 -17.68
CA GLY B 167 10.30 -7.66 -19.08
C GLY B 167 11.17 -8.56 -19.94
N GLU B 168 12.47 -8.58 -19.69
CA GLU B 168 13.31 -9.44 -20.51
C GLU B 168 13.25 -10.90 -20.08
N THR B 169 12.88 -11.17 -18.82
CA THR B 169 12.57 -12.54 -18.43
C THR B 169 11.31 -13.04 -19.14
N LEU B 170 10.40 -12.13 -19.46
CA LEU B 170 9.20 -12.47 -20.21
C LEU B 170 9.37 -12.26 -21.71
N ASN B 171 10.49 -11.67 -22.13
CA ASN B 171 10.76 -11.34 -23.53
C ASN B 171 9.66 -10.44 -24.12
N ILE B 172 9.51 -9.28 -23.52
CA ILE B 172 8.40 -8.40 -23.88
C ILE B 172 8.75 -7.61 -25.13
N ALA B 173 7.79 -7.50 -26.05
CA ALA B 173 8.03 -6.83 -27.31
C ALA B 173 8.46 -5.39 -27.07
N PRO B 174 9.40 -4.84 -27.86
CA PRO B 174 9.71 -3.41 -27.71
C PRO B 174 8.49 -2.51 -27.74
N ILE B 175 7.51 -2.78 -28.61
CA ILE B 175 6.35 -1.89 -28.76
C ILE B 175 5.62 -1.72 -27.43
N ASP B 176 5.38 -2.81 -26.69
CA ASP B 176 4.79 -2.68 -25.37
C ASP B 176 5.75 -2.01 -24.39
N ALA B 177 7.00 -2.47 -24.37
CA ALA B 177 7.96 -1.94 -23.40
C ALA B 177 8.15 -0.44 -23.59
N LYS B 178 8.19 0.03 -24.84
CA LYS B 178 8.13 1.46 -25.11
C LYS B 178 6.97 2.09 -24.37
N MET B 179 5.75 1.63 -24.68
CA MET B 179 4.53 2.22 -24.14
C MET B 179 4.46 2.10 -22.63
N MET B 180 4.86 0.94 -22.08
CA MET B 180 4.60 0.68 -20.67
C MET B 180 5.41 1.58 -19.75
N SER B 181 6.55 2.06 -20.21
CA SER B 181 7.42 2.77 -19.29
C SER B 181 7.24 4.27 -19.33
N GLN B 182 6.80 4.84 -20.47
CA GLN B 182 6.53 6.27 -20.65
C GLN B 182 5.72 6.80 -19.47
N PRO B 183 6.29 7.64 -18.60
CA PRO B 183 5.51 8.15 -17.46
C PRO B 183 4.27 8.89 -17.92
N ALA B 184 3.38 9.13 -16.96
CA ALA B 184 2.17 9.89 -17.22
C ALA B 184 2.49 11.37 -17.43
N ASP B 185 1.52 12.11 -17.98
CA ASP B 185 1.64 13.55 -18.22
C ASP B 185 1.05 14.35 -17.08
N THR B 186 1.18 13.87 -15.87
CA THR B 186 0.61 14.51 -14.69
C THR B 186 1.34 13.93 -13.50
N GLU B 187 1.70 14.77 -12.55
CA GLU B 187 2.32 14.20 -11.36
C GLU B 187 1.32 13.35 -10.60
N GLU B 188 0.02 13.65 -10.77
CA GLU B 188 -1.01 12.76 -10.23
C GLU B 188 -1.15 11.49 -11.07
N GLY B 189 -1.09 11.60 -12.39
CA GLY B 189 -1.09 10.41 -13.23
C GLY B 189 0.06 9.48 -12.93
N ARG B 190 1.21 10.02 -12.51
CA ARG B 190 2.38 9.19 -12.25
C ARG B 190 2.32 8.47 -10.91
N ILE B 191 1.69 9.05 -9.88
CA ILE B 191 1.65 8.34 -8.59
C ILE B 191 0.47 7.38 -8.49
N GLU B 192 -0.64 7.63 -9.19
CA GLU B 192 -1.61 6.55 -9.34
C GLU B 192 -0.99 5.42 -10.13
N GLN B 193 -0.11 5.76 -11.08
CA GLN B 193 0.61 4.77 -11.90
C GLN B 193 1.59 3.95 -11.05
N TYR B 194 2.23 4.55 -10.05
CA TYR B 194 3.05 3.78 -9.13
C TYR B 194 2.20 2.89 -8.25
N LYS B 195 1.20 3.46 -7.57
CA LYS B 195 0.28 2.66 -6.75
C LYS B 195 -0.33 1.54 -7.57
N ARG B 196 -0.66 1.83 -8.83
CA ARG B 196 -1.17 0.80 -9.71
C ARG B 196 -0.21 -0.37 -9.80
N THR B 197 1.00 -0.12 -10.31
CA THR B 197 1.91 -1.23 -10.55
C THR B 197 2.26 -1.93 -9.25
N MET B 198 2.38 -1.17 -8.16
CA MET B 198 2.72 -1.75 -6.86
C MET B 198 1.61 -2.67 -6.36
N PHE B 199 0.36 -2.23 -6.45
CA PHE B 199 -0.77 -3.12 -6.17
C PHE B 199 -0.71 -4.37 -7.03
N TRP B 200 -0.55 -4.20 -8.35
CA TRP B 200 -0.50 -5.34 -9.27
C TRP B 200 0.55 -6.38 -8.86
N LEU B 201 1.75 -5.93 -8.51
CA LEU B 201 2.82 -6.86 -8.12
C LEU B 201 2.44 -7.68 -6.90
N GLU B 202 1.82 -7.05 -5.90
CA GLU B 202 1.57 -7.72 -4.64
C GLU B 202 0.28 -8.52 -4.66
N PHE B 203 -0.77 -7.96 -5.25
CA PHE B 203 -2.10 -8.55 -5.12
C PHE B 203 -2.61 -9.21 -6.39
N GLU B 204 -1.86 -9.18 -7.49
CA GLU B 204 -2.42 -9.70 -8.73
C GLU B 204 -1.56 -10.75 -9.41
N ILE B 205 -0.31 -10.43 -9.77
CA ILE B 205 0.44 -11.27 -10.71
C ILE B 205 0.58 -12.69 -10.18
N ARG B 206 1.05 -12.85 -8.93
CA ARG B 206 1.19 -14.22 -8.43
C ARG B 206 -0.18 -14.88 -8.31
N GLN B 207 -1.12 -14.23 -7.62
CA GLN B 207 -2.45 -14.81 -7.43
C GLN B 207 -3.12 -15.13 -8.76
N TYR B 208 -2.95 -14.28 -9.78
CA TYR B 208 -3.67 -14.54 -11.01
C TYR B 208 -2.95 -15.56 -11.89
N THR B 209 -1.62 -15.50 -11.98
CA THR B 209 -0.94 -16.39 -12.90
C THR B 209 -0.80 -17.81 -12.35
N HIS B 210 -1.04 -18.03 -11.06
CA HIS B 210 -1.12 -19.39 -10.55
C HIS B 210 -2.56 -19.74 -10.14
N SER B 211 -3.54 -19.29 -10.90
CA SER B 211 -4.95 -19.55 -10.60
C SER B 211 -5.30 -20.98 -10.95
N ASN B 212 -6.34 -21.47 -10.31
CA ASN B 212 -6.80 -22.83 -10.57
C ASN B 212 -7.67 -22.85 -11.84
N ILE B 213 -6.99 -22.88 -12.99
CA ILE B 213 -7.60 -23.10 -14.29
C ILE B 213 -6.88 -24.26 -14.96
N THR B 214 -7.64 -25.25 -15.46
CA THR B 214 -7.08 -26.38 -16.18
C THR B 214 -7.48 -26.34 -17.65
N LEU B 215 -6.71 -27.06 -18.48
CA LEU B 215 -7.13 -27.23 -19.86
C LEU B 215 -8.54 -27.79 -19.93
N ASP B 216 -8.89 -28.66 -18.99
CA ASP B 216 -10.18 -29.35 -19.01
C ASP B 216 -11.35 -28.35 -19.08
N ASP B 217 -11.30 -27.29 -18.28
CA ASP B 217 -12.44 -26.36 -18.28
C ASP B 217 -12.41 -25.36 -19.43
N PHE B 218 -11.45 -25.49 -20.35
CA PHE B 218 -11.50 -24.86 -21.67
C PHE B 218 -12.22 -25.74 -22.68
N THR B 219 -12.00 -27.06 -22.60
CA THR B 219 -12.56 -27.96 -23.59
C THR B 219 -14.07 -28.04 -23.48
N LYS B 220 -14.61 -27.72 -22.31
CA LYS B 220 -16.06 -27.71 -22.12
C LYS B 220 -16.74 -26.76 -23.11
N TYR B 221 -16.11 -25.60 -23.36
CA TYR B 221 -16.73 -24.51 -24.11
C TYR B 221 -15.87 -24.10 -25.29
N SER B 222 -15.20 -25.07 -25.92
CA SER B 222 -14.23 -24.79 -26.97
C SER B 222 -14.82 -23.99 -28.13
N ASP B 223 -16.12 -24.14 -28.43
CA ASP B 223 -16.70 -23.39 -29.53
C ASP B 223 -16.75 -21.89 -29.25
N LYS B 224 -16.79 -21.50 -27.97
CA LYS B 224 -16.88 -20.10 -27.61
C LYS B 224 -15.54 -19.40 -27.60
N ILE B 225 -14.42 -20.13 -27.42
CA ILE B 225 -13.14 -19.50 -27.13
C ILE B 225 -12.38 -19.19 -28.40
N THR B 226 -11.76 -18.02 -28.42
CA THR B 226 -10.65 -17.75 -29.31
C THR B 226 -9.47 -17.26 -28.50
N LEU B 227 -8.28 -17.74 -28.83
CA LEU B 227 -7.08 -17.13 -28.31
C LEU B 227 -6.61 -16.08 -29.30
N LEU B 228 -5.81 -15.15 -28.81
CA LEU B 228 -5.52 -13.94 -29.57
C LEU B 228 -4.08 -13.52 -29.27
N ASN B 229 -3.22 -13.56 -30.29
CA ASN B 229 -1.81 -13.22 -30.18
C ASN B 229 -1.54 -11.93 -30.94
N GLY B 230 -0.73 -11.07 -30.33
CA GLY B 230 -0.34 -9.84 -31.01
C GLY B 230 0.59 -10.11 -32.17
N THR B 231 0.43 -9.32 -33.23
CA THR B 231 1.34 -9.35 -34.36
C THR B 231 2.63 -8.59 -34.10
N ASP B 232 2.67 -7.75 -33.05
CA ASP B 232 3.88 -7.03 -32.67
C ASP B 232 4.57 -7.62 -31.45
N SER B 233 3.98 -8.64 -30.81
CA SER B 233 4.48 -9.19 -29.55
C SER B 233 4.90 -10.65 -29.67
N ARG B 234 5.29 -11.09 -30.87
CA ARG B 234 5.66 -12.48 -31.06
C ARG B 234 7.00 -12.76 -30.40
N GLY B 235 7.13 -13.99 -29.87
CA GLY B 235 8.26 -14.36 -29.07
C GLY B 235 8.12 -14.09 -27.59
N SER B 236 7.02 -13.49 -27.14
CA SER B 236 6.86 -13.17 -25.72
C SER B 236 6.15 -14.30 -24.99
N PHE B 237 6.32 -14.30 -23.67
CA PHE B 237 5.79 -15.37 -22.82
C PHE B 237 4.29 -15.62 -23.00
N PRO B 238 3.41 -14.62 -22.98
CA PRO B 238 1.98 -14.92 -23.19
C PRO B 238 1.68 -15.53 -24.55
N GLN B 239 2.53 -15.31 -25.56
CA GLN B 239 2.31 -15.95 -26.84
C GLN B 239 2.55 -17.45 -26.73
N ASP B 240 3.45 -17.87 -25.84
CA ASP B 240 3.66 -19.29 -25.68
C ASP B 240 2.51 -19.95 -24.93
N VAL B 241 1.90 -19.23 -23.98
CA VAL B 241 0.76 -19.82 -23.27
C VAL B 241 -0.35 -20.14 -24.26
N ASN B 242 -0.64 -19.21 -25.17
CA ASN B 242 -1.64 -19.46 -26.18
C ASN B 242 -1.25 -20.64 -27.05
N PHE B 243 0.01 -20.69 -27.49
CA PHE B 243 0.52 -21.84 -28.25
C PHE B 243 0.23 -23.15 -27.54
N TYR B 244 0.63 -23.24 -26.27
CA TYR B 244 0.42 -24.48 -25.52
C TYR B 244 -1.07 -24.83 -25.43
N ILE B 245 -1.94 -23.83 -25.18
CA ILE B 245 -3.36 -24.13 -25.07
C ILE B 245 -3.88 -24.69 -26.38
N ASN B 246 -3.56 -24.04 -27.50
CA ASN B 246 -4.08 -24.49 -28.78
C ASN B 246 -3.54 -25.86 -29.13
N LYS B 247 -2.27 -26.12 -28.83
CA LYS B 247 -1.68 -27.42 -29.12
C LYS B 247 -2.47 -28.55 -28.45
N GLU B 248 -2.78 -28.39 -27.16
CA GLU B 248 -3.40 -29.45 -26.39
C GLU B 248 -4.92 -29.53 -26.54
N THR B 249 -5.56 -28.43 -26.90
CA THR B 249 -7.00 -28.38 -27.02
C THR B 249 -7.50 -28.19 -28.44
N GLY B 250 -6.71 -27.63 -29.34
CA GLY B 250 -7.24 -27.26 -30.63
C GLY B 250 -7.90 -25.89 -30.69
N ILE B 251 -8.18 -25.25 -29.54
CA ILE B 251 -8.78 -23.90 -29.64
C ILE B 251 -7.94 -23.03 -30.56
N PRO B 252 -8.54 -22.27 -31.48
CA PRO B 252 -7.75 -21.57 -32.50
C PRO B 252 -7.09 -20.30 -31.99
N ILE B 253 -5.99 -19.92 -32.64
CA ILE B 253 -5.29 -18.68 -32.36
C ILE B 253 -5.51 -17.73 -33.53
N VAL B 254 -6.26 -16.67 -33.29
CA VAL B 254 -6.41 -15.58 -34.25
C VAL B 254 -5.36 -14.52 -33.94
N ASP B 255 -4.58 -14.15 -34.94
CA ASP B 255 -3.59 -13.09 -34.79
C ASP B 255 -4.25 -11.73 -34.95
N ILE B 256 -3.74 -10.75 -34.22
CA ILE B 256 -4.39 -9.45 -34.17
C ILE B 256 -3.32 -8.36 -34.08
N PRO B 257 -3.50 -7.23 -34.78
CA PRO B 257 -2.49 -6.16 -34.77
C PRO B 257 -2.13 -5.71 -33.37
N GLY B 258 -0.88 -5.27 -33.21
CA GLY B 258 -0.43 -4.64 -32.00
C GLY B 258 0.33 -5.60 -31.10
N GLY B 259 0.66 -5.10 -29.91
CA GLY B 259 1.39 -5.87 -28.93
C GLY B 259 0.49 -6.38 -27.81
N HIS B 260 1.12 -6.59 -26.66
CA HIS B 260 0.34 -6.87 -25.45
C HIS B 260 -0.70 -5.78 -25.21
N LEU B 261 -0.49 -4.57 -25.76
CA LEU B 261 -1.42 -3.45 -25.64
C LEU B 261 -2.07 -3.08 -26.98
N GLY B 262 -2.23 -4.05 -27.89
CA GLY B 262 -2.54 -3.73 -29.27
C GLY B 262 -3.87 -3.03 -29.48
N TYR B 263 -4.82 -3.21 -28.56
CA TYR B 263 -6.14 -2.57 -28.67
C TYR B 263 -6.07 -1.07 -28.48
N ILE B 264 -5.00 -0.59 -27.83
CA ILE B 264 -4.70 0.83 -27.80
C ILE B 264 -3.56 1.20 -28.75
N GLN B 265 -2.74 0.23 -29.16
CA GLN B 265 -1.64 0.54 -30.07
C GLN B 265 -2.13 0.66 -31.50
N LYS B 266 -2.98 -0.27 -31.90
CA LYS B 266 -3.56 -0.32 -33.25
C LYS B 266 -5.06 -0.59 -33.15
N PRO B 267 -5.84 0.32 -32.53
CA PRO B 267 -7.28 0.04 -32.33
C PRO B 267 -8.05 -0.27 -33.60
N GLU B 268 -7.74 0.41 -34.71
CA GLU B 268 -8.48 0.21 -35.96
C GLU B 268 -8.33 -1.23 -36.45
N GLY B 269 -7.08 -1.67 -36.64
CA GLY B 269 -6.85 -3.04 -37.08
C GLY B 269 -7.31 -4.05 -36.06
N PHE B 270 -7.15 -3.72 -34.77
CA PHE B 270 -7.67 -4.58 -33.71
C PHE B 270 -9.17 -4.79 -33.89
N ALA B 271 -9.90 -3.71 -34.11
CA ALA B 271 -11.34 -3.81 -34.30
C ALA B 271 -11.69 -4.66 -35.51
N ASP B 272 -11.01 -4.43 -36.65
CA ASP B 272 -11.33 -5.17 -37.87
C ASP B 272 -11.21 -6.68 -37.66
N VAL B 273 -10.24 -7.13 -36.87
CA VAL B 273 -10.12 -8.57 -36.65
C VAL B 273 -11.29 -9.08 -35.81
N LEU B 274 -11.66 -8.34 -34.75
CA LEU B 274 -12.77 -8.77 -33.90
C LEU B 274 -14.08 -8.87 -34.70
N LEU B 275 -14.34 -7.90 -35.58
CA LEU B 275 -15.54 -7.98 -36.43
C LEU B 275 -15.50 -9.19 -37.37
N ASN B 276 -14.30 -9.62 -37.78
CA ASN B 276 -14.19 -10.78 -38.66
C ASN B 276 -14.57 -12.06 -37.93
N MET B 277 -13.95 -12.29 -36.77
CA MET B 277 -14.21 -13.49 -36.00
C MET B 277 -15.65 -13.53 -35.48
N TRP B 278 -16.23 -12.38 -35.17
CA TRP B 278 -17.53 -12.35 -34.49
C TRP B 278 -18.63 -11.75 -35.38
N GLY B 279 -19.19 -12.59 -36.25
CA GLY B 279 -20.37 -12.22 -37.03
C GLY B 279 -20.06 -11.51 -38.33
C4 WS8 C . 1.33 -9.59 -19.29
C5 WS8 C . 2.52 -9.89 -20.20
C6 WS8 C . 3.50 -10.69 -19.79
C2 WS8 C . 2.41 -11.03 -17.59
B10 WS8 C . 0.15 -8.64 -19.77
C1 WS8 C . 3.53 -12.18 -15.82
C3 WS8 C . 1.30 -10.12 -18.08
C7 WS8 C . 3.44 -11.29 -18.39
C9 WS8 C . 4.96 -9.97 -21.53
O1 WS8 C . 2.34 -11.59 -16.30
O11 WS8 C . 0.02 -7.54 -18.99
O8 WS8 C . 4.62 -10.98 -20.60
C4 WS8 D . 13.84 8.67 14.38
C5 WS8 D . 15.35 8.90 14.36
C6 WS8 D . 15.95 9.53 13.36
C2 WS8 D . 13.80 9.87 12.23
B10 WS8 D . 13.13 7.89 15.56
C1 WS8 D . 13.55 11.27 10.29
C3 WS8 D . 13.13 9.13 13.38
C7 WS8 D . 15.09 10.07 12.21
C9 WS8 D . 18.05 8.67 13.95
O1 WS8 D . 12.99 10.34 11.18
O11 WS8 D . 12.42 6.78 15.23
O8 WS8 D . 17.33 9.72 13.36
#